data_2A6B
#
_entry.id   2A6B
#
_cell.length_a   119.908
_cell.length_b   119.908
_cell.length_c   47.105
_cell.angle_alpha   90.000
_cell.angle_beta   90.000
_cell.angle_gamma   90.000
#
_symmetry.space_group_name_H-M   'P 4 21 2'
#
loop_
_entity.id
_entity.type
_entity.pdbx_description
1 polymer 'hypothetical protein spr0628'
2 water water
#
_entity_poly.entity_id   1
_entity_poly.type   'polypeptide(L)'
_entity_poly.pdbx_seq_one_letter_code
;(MSE)GSDKIHHHHHH(MSE)ETQDYAFQPGLTVGELLKSSQKDWQAAINHRFVKELFAGTIENKVLKDYLIQDYHFFDA
FLS(MSE)LGACVAHADKLESKLRFAKQLGFLEADEDGYFQKAFKELKVAENDYLEVTLHPVTKAFQDL(MSE)YSAVAS
SDYAHLLV(MSE)LVIAEGLYLDWGSKDLALPEVYIHSEWINLHRGPFFAEWVQFLVDELNRVGKNREDLTELQQRWNQA
VALELAFFDIGYDV
;
_entity_poly.pdbx_strand_id   A
#
# COMPACT_ATOMS: atom_id res chain seq x y z
N THR A 15 -20.65 -8.45 4.72
CA THR A 15 -20.41 -9.93 4.57
C THR A 15 -18.94 -10.22 4.32
N GLN A 16 -18.29 -9.45 3.44
CA GLN A 16 -16.91 -9.72 3.08
C GLN A 16 -16.03 -9.55 4.31
N ASP A 17 -15.17 -10.55 4.55
CA ASP A 17 -14.22 -10.48 5.64
CA ASP A 17 -14.21 -10.54 5.63
C ASP A 17 -12.94 -9.88 5.12
N TYR A 18 -12.30 -9.13 6.01
CA TYR A 18 -11.01 -8.50 5.76
C TYR A 18 -10.10 -8.78 6.94
N ALA A 19 -8.81 -8.60 6.72
CA ALA A 19 -7.79 -8.83 7.75
C ALA A 19 -7.87 -7.80 8.87
N PHE A 20 -8.57 -6.69 8.64
CA PHE A 20 -8.80 -5.62 9.63
C PHE A 20 -10.31 -5.50 9.83
N GLN A 21 -10.71 -4.74 10.83
CA GLN A 21 -12.14 -4.52 11.18
C GLN A 21 -12.51 -3.18 10.58
N PRO A 22 -13.31 -3.20 9.48
CA PRO A 22 -13.54 -1.93 8.76
C PRO A 22 -14.32 -0.86 9.51
N GLY A 23 -15.19 -1.20 10.44
CA GLY A 23 -16.03 -0.17 11.05
C GLY A 23 -17.00 0.48 10.05
N LEU A 24 -17.47 1.67 10.38
CA LEU A 24 -18.59 2.26 9.65
C LEU A 24 -18.17 2.90 8.35
N THR A 25 -17.28 3.90 8.44
CA THR A 25 -16.93 4.68 7.26
C THR A 25 -16.10 3.86 6.27
N VAL A 26 -15.05 3.20 6.74
CA VAL A 26 -14.26 2.36 5.86
C VAL A 26 -15.12 1.19 5.32
N GLY A 27 -15.97 0.63 6.17
CA GLY A 27 -16.92 -0.41 5.73
C GLY A 27 -17.80 0.03 4.58
N GLU A 28 -18.30 1.27 4.65
CA GLU A 28 -19.11 1.82 3.56
C GLU A 28 -18.26 2.02 2.30
N LEU A 29 -17.06 2.57 2.47
CA LEU A 29 -16.19 2.80 1.31
C LEU A 29 -15.84 1.51 0.56
N LEU A 30 -15.62 0.44 1.32
CA LEU A 30 -15.24 -0.85 0.75
C LEU A 30 -16.32 -1.46 -0.15
N LYS A 31 -17.57 -1.09 0.07
CA LYS A 31 -18.64 -1.80 -0.64
C LYS A 31 -18.55 -1.65 -2.16
N SER A 32 -18.12 -0.48 -2.63
CA SER A 32 -18.14 -0.23 -4.06
C SER A 32 -16.87 -0.69 -4.76
N SER A 33 -15.86 -1.13 -4.02
CA SER A 33 -14.60 -1.56 -4.64
C SER A 33 -14.34 -3.06 -4.51
N GLN A 34 -15.36 -3.82 -4.12
CA GLN A 34 -15.21 -5.25 -3.79
C GLN A 34 -14.60 -6.10 -4.86
N LYS A 35 -15.09 -5.98 -6.09
CA LYS A 35 -14.57 -6.80 -7.17
C LYS A 35 -13.09 -6.55 -7.44
N ASP A 36 -12.69 -5.28 -7.51
CA ASP A 36 -11.29 -4.93 -7.69
C ASP A 36 -10.44 -5.40 -6.52
N TRP A 37 -10.95 -5.21 -5.31
CA TRP A 37 -10.20 -5.57 -4.08
C TRP A 37 -9.90 -7.08 -4.07
N GLN A 38 -10.94 -7.89 -4.29
CA GLN A 38 -10.77 -9.33 -4.28
C GLN A 38 -9.87 -9.80 -5.42
N ALA A 39 -10.00 -9.18 -6.59
CA ALA A 39 -9.13 -9.51 -7.73
C ALA A 39 -7.68 -9.21 -7.43
N ALA A 40 -7.43 -8.13 -6.70
CA ALA A 40 -6.07 -7.72 -6.35
C ALA A 40 -5.45 -8.68 -5.35
N ILE A 41 -6.18 -9.02 -4.29
CA ILE A 41 -5.57 -9.86 -3.25
C ILE A 41 -5.39 -11.31 -3.71
N ASN A 42 -6.08 -11.69 -4.78
CA ASN A 42 -5.96 -13.03 -5.37
C ASN A 42 -5.27 -13.01 -6.71
N HIS A 43 -4.50 -11.97 -6.96
CA HIS A 43 -3.80 -11.82 -8.21
C HIS A 43 -2.71 -12.88 -8.35
N ARG A 44 -2.46 -13.24 -9.60
CA ARG A 44 -1.32 -14.07 -9.95
C ARG A 44 -0.02 -13.69 -9.26
N PHE A 45 0.28 -12.40 -9.20
CA PHE A 45 1.47 -11.93 -8.49
C PHE A 45 1.56 -12.48 -7.07
N VAL A 46 0.46 -12.36 -6.34
CA VAL A 46 0.37 -12.78 -4.93
C VAL A 46 0.54 -14.29 -4.83
N LYS A 47 -0.19 -15.01 -5.69
CA LYS A 47 -0.07 -16.49 -5.75
C LYS A 47 1.35 -16.95 -6.00
N GLU A 48 2.00 -16.38 -7.00
CA GLU A 48 3.36 -16.78 -7.37
C GLU A 48 4.43 -16.34 -6.35
N LEU A 49 4.20 -15.20 -5.69
CA LEU A 49 5.08 -14.76 -4.62
C LEU A 49 5.03 -15.75 -3.45
N PHE A 50 3.83 -16.08 -3.00
CA PHE A 50 3.69 -17.02 -1.90
C PHE A 50 4.25 -18.42 -2.23
N ALA A 51 4.14 -18.83 -3.48
CA ALA A 51 4.64 -20.14 -3.92
C ALA A 51 6.14 -20.15 -4.13
N GLY A 52 6.74 -18.97 -4.21
CA GLY A 52 8.16 -18.87 -4.59
C GLY A 52 8.46 -19.13 -6.05
N THR A 53 7.43 -19.14 -6.88
CA THR A 53 7.55 -19.48 -8.29
C THR A 53 7.67 -18.24 -9.19
N ILE A 54 7.47 -17.06 -8.63
CA ILE A 54 7.51 -15.83 -9.41
C ILE A 54 8.86 -15.66 -10.11
N GLU A 55 8.82 -15.34 -11.40
CA GLU A 55 10.06 -15.12 -12.17
C GLU A 55 10.78 -13.87 -11.66
N ASN A 56 12.12 -13.93 -11.60
CA ASN A 56 12.88 -12.75 -11.21
C ASN A 56 12.55 -11.52 -12.03
N LYS A 57 12.37 -11.66 -13.34
CA LYS A 57 12.10 -10.52 -14.20
C LYS A 57 10.79 -9.84 -13.79
N VAL A 58 9.79 -10.63 -13.43
CA VAL A 58 8.50 -10.09 -13.02
C VAL A 58 8.62 -9.33 -11.69
N LEU A 59 9.28 -9.95 -10.70
CA LEU A 59 9.48 -9.31 -9.40
C LEU A 59 10.31 -8.02 -9.53
N LYS A 60 11.36 -8.09 -10.34
CA LYS A 60 12.24 -6.93 -10.57
C LYS A 60 11.45 -5.77 -11.16
N ASP A 61 10.65 -6.05 -12.17
CA ASP A 61 9.90 -4.98 -12.83
C ASP A 61 8.90 -4.37 -11.88
N TYR A 62 8.23 -5.21 -11.10
CA TYR A 62 7.31 -4.75 -10.07
C TYR A 62 8.03 -3.89 -9.04
N LEU A 63 9.19 -4.37 -8.55
CA LEU A 63 9.90 -3.63 -7.50
C LEU A 63 10.46 -2.29 -7.97
N ILE A 64 10.93 -2.23 -9.20
CA ILE A 64 11.37 -0.96 -9.76
C ILE A 64 10.23 0.06 -9.79
N GLN A 65 9.06 -0.33 -10.29
CA GLN A 65 7.92 0.58 -10.27
C GLN A 65 7.47 0.87 -8.86
N ASP A 66 7.50 -0.15 -7.99
CA ASP A 66 7.07 0.04 -6.61
C ASP A 66 7.97 0.98 -5.82
N TYR A 67 9.24 1.10 -6.19
CA TYR A 67 10.14 1.99 -5.46
C TYR A 67 9.77 3.45 -5.77
N HIS A 68 9.20 3.69 -6.94
CA HIS A 68 8.51 5.00 -7.14
C HIS A 68 7.22 5.21 -6.37
N PHE A 69 6.44 4.17 -6.19
CA PHE A 69 5.27 4.22 -5.29
C PHE A 69 5.72 4.58 -3.88
N PHE A 70 6.71 3.86 -3.39
CA PHE A 70 7.30 4.10 -2.05
C PHE A 70 7.74 5.57 -1.80
N ASP A 71 8.35 6.20 -2.78
CA ASP A 71 8.73 7.63 -2.75
C ASP A 71 7.53 8.60 -2.45
N ALA A 72 6.46 8.43 -3.23
CA ALA A 72 5.23 9.20 -3.03
C ALA A 72 4.54 8.71 -1.73
N PHE A 73 4.70 7.45 -1.40
CA PHE A 73 4.08 6.89 -0.22
C PHE A 73 4.68 7.51 1.06
N LEU A 74 6.00 7.65 1.09
CA LEU A 74 6.62 8.33 2.23
C LEU A 74 6.08 9.73 2.35
N SER A 75 5.90 10.40 1.21
CA SER A 75 5.39 11.77 1.22
C SER A 75 4.00 11.84 1.84
N MSE A 76 3.16 10.85 1.56
CA MSE A 76 1.83 10.83 2.16
C MSE A 76 1.92 10.68 3.66
O MSE A 76 1.15 11.32 4.41
CB MSE A 76 0.94 9.74 1.55
CG MSE A 76 0.59 10.08 0.12
SE MSE A 76 -0.90 8.95 -0.45
CE MSE A 76 -0.14 7.27 -0.17
N LEU A 77 2.80 9.79 4.13
CA LEU A 77 2.98 9.63 5.57
CA LEU A 77 2.99 9.64 5.58
C LEU A 77 3.48 10.93 6.19
N GLY A 78 4.43 11.60 5.54
CA GLY A 78 4.90 12.88 6.00
C GLY A 78 3.76 13.92 6.12
N ALA A 79 2.93 13.99 5.08
CA ALA A 79 1.80 14.90 5.07
C ALA A 79 0.84 14.60 6.21
N CYS A 80 0.71 13.35 6.60
CA CYS A 80 -0.11 13.00 7.78
C CYS A 80 0.52 13.48 9.07
N VAL A 81 1.85 13.35 9.18
CA VAL A 81 2.51 13.96 10.36
C VAL A 81 2.22 15.47 10.36
N ALA A 82 2.27 16.10 9.18
CA ALA A 82 2.06 17.54 9.08
C ALA A 82 0.62 17.94 9.41
N HIS A 83 -0.33 17.12 8.98
CA HIS A 83 -1.77 17.52 8.99
C HIS A 83 -2.69 16.74 9.90
N ALA A 84 -2.20 15.73 10.57
CA ALA A 84 -3.04 15.03 11.54
C ALA A 84 -3.40 15.99 12.69
N ASP A 85 -4.57 15.79 13.27
CA ASP A 85 -5.11 16.72 14.26
C ASP A 85 -4.78 16.34 15.69
N LYS A 86 -4.11 15.19 15.88
CA LYS A 86 -3.75 14.71 17.20
C LYS A 86 -2.25 14.40 17.27
N LEU A 87 -1.60 14.86 18.33
CA LEU A 87 -0.18 14.56 18.53
C LEU A 87 0.08 13.06 18.57
N GLU A 88 -0.80 12.31 19.24
CA GLU A 88 -0.60 10.85 19.29
C GLU A 88 -0.57 10.22 17.88
N SER A 89 -1.43 10.72 17.00
CA SER A 89 -1.46 10.26 15.63
C SER A 89 -0.18 10.63 14.87
N LYS A 90 0.24 11.88 15.02
CA LYS A 90 1.53 12.30 14.42
C LYS A 90 2.67 11.37 14.82
N LEU A 91 2.74 11.05 16.10
CA LEU A 91 3.80 10.17 16.63
C LEU A 91 3.72 8.75 16.05
N ARG A 92 2.53 8.24 15.82
CA ARG A 92 2.40 6.91 15.21
C ARG A 92 2.86 6.92 13.77
N PHE A 93 2.54 7.98 13.03
CA PHE A 93 3.09 8.15 11.68
C PHE A 93 4.61 8.27 11.69
N ALA A 94 5.14 9.03 12.66
CA ALA A 94 6.59 9.19 12.80
C ALA A 94 7.25 7.81 13.05
N LYS A 95 6.65 7.00 13.90
CA LYS A 95 7.15 5.66 14.17
C LYS A 95 7.18 4.84 12.89
N GLN A 96 6.10 4.89 12.13
CA GLN A 96 6.05 4.09 10.88
C GLN A 96 7.08 4.54 9.88
N LEU A 97 7.28 5.87 9.78
CA LEU A 97 8.33 6.40 8.90
C LEU A 97 9.71 5.88 9.27
N GLY A 98 10.02 5.80 10.55
CA GLY A 98 11.29 5.23 10.96
C GLY A 98 11.42 3.77 10.58
N PHE A 99 10.33 3.01 10.71
CA PHE A 99 10.33 1.61 10.28
C PHE A 99 10.57 1.44 8.79
N LEU A 100 9.89 2.24 7.99
CA LEU A 100 10.02 2.21 6.54
C LEU A 100 11.44 2.56 6.09
N GLU A 101 12.08 3.53 6.74
CA GLU A 101 13.44 3.90 6.36
C GLU A 101 14.42 2.80 6.67
N ALA A 102 14.16 2.08 7.77
CA ALA A 102 15.08 1.04 8.21
C ALA A 102 14.74 -0.24 7.44
N ASP A 103 13.55 -0.78 7.68
CA ASP A 103 13.31 -2.12 7.21
C ASP A 103 12.84 -2.21 5.77
N GLU A 104 11.95 -1.31 5.35
CA GLU A 104 11.44 -1.41 3.98
C GLU A 104 12.44 -0.92 2.93
N ASP A 105 13.04 0.26 3.14
CA ASP A 105 14.09 0.67 2.25
C ASP A 105 15.22 -0.32 2.28
N GLY A 106 15.54 -0.91 3.44
CA GLY A 106 16.59 -1.92 3.50
C GLY A 106 16.33 -3.12 2.57
N TYR A 107 15.07 -3.55 2.58
CA TYR A 107 14.63 -4.64 1.68
C TYR A 107 14.85 -4.24 0.23
N PHE A 108 14.36 -3.06 -0.13
CA PHE A 108 14.53 -2.64 -1.51
C PHE A 108 16.00 -2.68 -1.93
N GLN A 109 16.91 -2.19 -1.09
CA GLN A 109 18.33 -2.13 -1.48
C GLN A 109 18.93 -3.53 -1.64
N LYS A 110 18.56 -4.42 -0.75
CA LYS A 110 18.98 -5.83 -0.83
C LYS A 110 18.38 -6.51 -2.05
N ALA A 111 17.08 -6.30 -2.29
CA ALA A 111 16.40 -6.91 -3.45
C ALA A 111 17.03 -6.43 -4.77
N PHE A 112 17.28 -5.13 -4.89
CA PHE A 112 17.91 -4.62 -6.11
C PHE A 112 19.32 -5.17 -6.29
N LYS A 113 20.08 -5.34 -5.20
CA LYS A 113 21.42 -5.94 -5.30
C LYS A 113 21.31 -7.39 -5.82
N GLU A 114 20.38 -8.17 -5.26
CA GLU A 114 20.19 -9.55 -5.68
C GLU A 114 19.76 -9.68 -7.12
N LEU A 115 18.90 -8.77 -7.55
CA LEU A 115 18.30 -8.79 -8.87
C LEU A 115 19.17 -8.02 -9.86
N LYS A 116 20.34 -7.56 -9.40
CA LYS A 116 21.35 -6.89 -10.22
C LYS A 116 20.85 -5.61 -10.89
N VAL A 117 20.09 -4.82 -10.12
CA VAL A 117 19.58 -3.54 -10.55
C VAL A 117 20.50 -2.43 -10.03
N ALA A 118 21.36 -1.91 -10.91
CA ALA A 118 22.20 -0.74 -10.60
C ALA A 118 21.39 0.53 -10.33
N GLU A 119 21.97 1.49 -9.62
CA GLU A 119 21.30 2.76 -9.31
C GLU A 119 20.72 3.41 -10.58
N ASN A 120 21.53 3.49 -11.62
CA ASN A 120 21.08 4.00 -12.92
C ASN A 120 20.07 3.13 -13.67
N ASP A 121 20.08 1.81 -13.45
CA ASP A 121 19.04 0.93 -13.98
C ASP A 121 17.69 1.24 -13.31
N TYR A 122 17.74 2.03 -12.25
CA TYR A 122 16.56 2.63 -11.68
C TYR A 122 16.23 4.01 -12.30
N LEU A 123 17.22 4.89 -12.46
CA LEU A 123 17.01 6.21 -13.10
C LEU A 123 16.40 6.11 -14.47
N GLU A 124 16.73 5.04 -15.20
CA GLU A 124 16.43 4.98 -16.59
C GLU A 124 15.12 4.32 -16.91
N VAL A 125 14.57 3.62 -15.96
CA VAL A 125 13.27 2.99 -16.18
C VAL A 125 12.17 4.05 -16.10
N THR A 126 11.41 4.08 -17.18
CA THR A 126 10.23 4.92 -17.35
C THR A 126 9.17 4.49 -16.36
N LEU A 127 8.39 5.45 -15.85
CA LEU A 127 7.20 5.09 -15.07
C LEU A 127 6.15 4.49 -15.98
N HIS A 128 5.64 3.34 -15.61
CA HIS A 128 4.55 2.73 -16.29
C HIS A 128 3.34 3.69 -16.12
N PRO A 129 2.43 3.75 -17.12
CA PRO A 129 1.24 4.62 -16.97
C PRO A 129 0.46 4.43 -15.66
N VAL A 130 0.37 3.20 -15.16
CA VAL A 130 -0.28 2.93 -13.87
C VAL A 130 0.47 3.57 -12.69
N THR A 131 1.80 3.42 -12.71
CA THR A 131 2.64 4.00 -11.69
C THR A 131 2.49 5.52 -11.69
N LYS A 132 2.51 6.13 -12.89
CA LYS A 132 2.30 7.55 -13.03
C LYS A 132 0.93 7.96 -12.50
N ALA A 133 -0.11 7.21 -12.88
CA ALA A 133 -1.46 7.51 -12.36
C ALA A 133 -1.52 7.43 -10.84
N PHE A 134 -0.87 6.44 -10.28
CA PHE A 134 -0.90 6.28 -8.83
C PHE A 134 -0.18 7.46 -8.14
N GLN A 135 0.99 7.85 -8.64
CA GLN A 135 1.68 9.01 -8.09
C GLN A 135 0.89 10.28 -8.13
N ASP A 136 0.24 10.53 -9.26
CA ASP A 136 -0.59 11.69 -9.43
C ASP A 136 -1.64 11.71 -8.35
N LEU A 137 -2.26 10.57 -8.11
CA LEU A 137 -3.34 10.47 -7.12
C LEU A 137 -2.79 10.64 -5.68
N MSE A 138 -1.64 10.09 -5.44
CA MSE A 138 -0.97 10.27 -4.14
C MSE A 138 -0.55 11.71 -3.90
O MSE A 138 -0.81 12.29 -2.85
CB MSE A 138 0.20 9.32 -4.04
CG MSE A 138 -0.24 7.89 -4.07
SE MSE A 138 1.21 6.64 -4.48
CE MSE A 138 1.72 6.49 -3.13
N TYR A 139 0.10 12.32 -4.89
CA TYR A 139 0.50 13.71 -4.73
C TYR A 139 -0.67 14.68 -4.67
N SER A 140 -1.82 14.36 -5.28
CA SER A 140 -2.98 15.21 -5.08
C SER A 140 -3.50 15.14 -3.65
N ALA A 141 -3.36 13.99 -2.99
CA ALA A 141 -3.78 13.85 -1.59
C ALA A 141 -2.84 14.72 -0.74
N VAL A 142 -1.55 14.64 -1.03
CA VAL A 142 -0.58 15.54 -0.35
C VAL A 142 -0.97 17.00 -0.57
N ALA A 143 -1.27 17.39 -1.81
CA ALA A 143 -1.60 18.78 -2.12
C ALA A 143 -2.86 19.29 -1.44
N SER A 144 -3.80 18.40 -1.18
CA SER A 144 -5.06 18.74 -0.50
C SER A 144 -4.84 19.16 0.94
N SER A 145 -3.73 18.72 1.52
CA SER A 145 -3.46 18.87 2.96
C SER A 145 -4.63 18.39 3.82
N ASP A 146 -5.40 17.46 3.28
CA ASP A 146 -6.60 17.00 3.93
C ASP A 146 -6.33 15.60 4.47
N TYR A 147 -6.28 15.48 5.79
CA TYR A 147 -6.00 14.21 6.46
C TYR A 147 -6.89 13.05 5.98
N ALA A 148 -8.17 13.32 5.74
CA ALA A 148 -9.09 12.24 5.26
C ALA A 148 -8.70 11.71 3.90
N HIS A 149 -8.33 12.61 2.98
CA HIS A 149 -7.91 12.18 1.66
C HIS A 149 -6.62 11.37 1.69
N LEU A 150 -5.68 11.78 2.53
CA LEU A 150 -4.45 11.00 2.76
C LEU A 150 -4.76 9.64 3.33
N LEU A 151 -5.65 9.59 4.31
CA LEU A 151 -6.02 8.32 4.93
C LEU A 151 -6.72 7.36 4.00
N VAL A 152 -7.54 7.87 3.09
CA VAL A 152 -8.11 7.00 2.05
C VAL A 152 -7.01 6.24 1.32
N MSE A 153 -5.98 6.96 0.88
CA MSE A 153 -4.91 6.37 0.11
C MSE A 153 -4.13 5.35 0.93
O MSE A 153 -3.77 4.28 0.44
CB MSE A 153 -3.98 7.45 -0.39
CG MSE A 153 -4.62 8.52 -1.26
SE MSE A 153 -5.39 7.77 -2.90
CE MSE A 153 -3.70 7.17 -3.75
N LEU A 154 -3.83 5.72 2.17
CA LEU A 154 -3.06 4.83 3.08
C LEU A 154 -3.84 3.58 3.54
N VAL A 155 -5.11 3.72 3.87
CA VAL A 155 -5.97 2.57 4.22
C VAL A 155 -6.01 1.56 3.08
N ILE A 156 -6.14 2.05 1.85
CA ILE A 156 -6.14 1.15 0.70
C ILE A 156 -4.75 0.50 0.49
N ALA A 157 -3.70 1.29 0.42
CA ALA A 157 -2.36 0.76 0.13
C ALA A 157 -1.97 -0.28 1.19
N GLU A 158 -2.15 0.09 2.44
CA GLU A 158 -1.71 -0.75 3.58
C GLU A 158 -2.73 -1.86 3.89
N GLY A 159 -4.01 -1.53 3.87
CA GLY A 159 -5.09 -2.48 4.12
C GLY A 159 -5.13 -3.59 3.07
N LEU A 160 -5.02 -3.22 1.79
CA LEU A 160 -5.05 -4.23 0.73
C LEU A 160 -3.80 -5.11 0.84
N TYR A 161 -2.64 -4.51 1.15
CA TYR A 161 -1.40 -5.29 1.31
C TYR A 161 -1.43 -6.19 2.54
N LEU A 162 -2.05 -5.76 3.62
CA LEU A 162 -2.29 -6.64 4.77
C LEU A 162 -3.23 -7.80 4.39
N ASP A 163 -4.22 -7.50 3.57
CA ASP A 163 -5.20 -8.52 3.23
C ASP A 163 -4.55 -9.64 2.40
N TRP A 164 -3.68 -9.34 1.44
CA TRP A 164 -2.98 -10.43 0.77
C TRP A 164 -1.84 -10.99 1.61
N GLY A 165 -1.11 -10.12 2.30
CA GLY A 165 0.03 -10.56 3.10
C GLY A 165 -0.32 -11.52 4.20
N SER A 166 -1.57 -11.43 4.66
CA SER A 166 -2.08 -12.19 5.80
C SER A 166 -2.64 -13.56 5.39
N LYS A 167 -2.60 -13.88 4.10
CA LYS A 167 -3.14 -15.14 3.61
C LYS A 167 -2.53 -16.34 4.30
N ASP A 168 -3.38 -17.35 4.55
CA ASP A 168 -2.94 -18.61 5.10
C ASP A 168 -2.28 -19.49 4.05
N LEU A 169 -1.09 -19.10 3.62
CA LEU A 169 -0.31 -19.88 2.67
C LEU A 169 1.08 -20.01 3.23
N ALA A 170 1.69 -21.19 3.07
CA ALA A 170 3.08 -21.38 3.46
C ALA A 170 4.01 -20.32 2.86
N LEU A 171 4.88 -19.74 3.69
CA LEU A 171 5.85 -18.77 3.24
C LEU A 171 6.96 -19.40 2.41
N PRO A 172 7.36 -18.75 1.31
CA PRO A 172 8.43 -19.21 0.45
C PRO A 172 9.80 -19.04 1.13
N GLU A 173 10.80 -19.79 0.66
CA GLU A 173 12.11 -19.83 1.29
C GLU A 173 13.06 -18.70 0.88
N VAL A 174 12.94 -18.20 -0.35
CA VAL A 174 13.89 -17.21 -0.86
C VAL A 174 13.63 -15.83 -0.22
N TYR A 175 14.68 -15.18 0.29
CA TYR A 175 14.54 -13.90 1.01
C TYR A 175 13.76 -12.84 0.22
N ILE A 176 14.08 -12.65 -1.05
CA ILE A 176 13.42 -11.60 -1.81
C ILE A 176 11.93 -11.87 -1.93
N HIS A 177 11.50 -13.13 -1.80
CA HIS A 177 10.07 -13.44 -1.74
C HIS A 177 9.50 -13.27 -0.34
N SER A 178 10.10 -13.96 0.62
CA SER A 178 9.55 -14.00 1.97
C SER A 178 9.51 -12.63 2.61
N GLU A 179 10.55 -11.82 2.41
CA GLU A 179 10.63 -10.53 3.11
C GLU A 179 9.57 -9.55 2.60
N TRP A 180 9.23 -9.61 1.31
CA TRP A 180 8.17 -8.73 0.79
C TRP A 180 6.82 -9.10 1.43
N ILE A 181 6.59 -10.40 1.64
CA ILE A 181 5.42 -10.84 2.40
C ILE A 181 5.49 -10.37 3.85
N ASN A 182 6.63 -10.59 4.50
CA ASN A 182 6.76 -10.33 5.93
C ASN A 182 6.63 -8.84 6.25
N LEU A 183 7.03 -7.98 5.30
CA LEU A 183 6.84 -6.53 5.47
C LEU A 183 5.37 -6.12 5.52
N HIS A 184 4.47 -7.00 5.07
CA HIS A 184 3.04 -6.70 4.94
C HIS A 184 2.19 -7.74 5.69
N ARG A 185 2.75 -8.26 6.78
CA ARG A 185 2.15 -9.35 7.53
C ARG A 185 2.54 -9.26 8.99
N GLY A 186 1.69 -9.75 9.87
CA GLY A 186 2.06 -9.90 11.27
C GLY A 186 1.50 -8.83 12.16
N PRO A 187 1.63 -9.02 13.47
CA PRO A 187 0.96 -8.13 14.43
C PRO A 187 1.32 -6.66 14.35
N PHE A 188 2.58 -6.30 14.11
CA PHE A 188 2.96 -4.88 14.03
C PHE A 188 2.22 -4.23 12.84
N PHE A 189 2.28 -4.88 11.68
CA PHE A 189 1.66 -4.30 10.49
C PHE A 189 0.15 -4.31 10.63
N ALA A 190 -0.39 -5.37 11.23
CA ALA A 190 -1.83 -5.42 11.44
C ALA A 190 -2.32 -4.31 12.33
N GLU A 191 -1.57 -4.00 13.41
CA GLU A 191 -1.95 -2.94 14.35
CA GLU A 191 -2.00 -2.95 14.33
C GLU A 191 -1.90 -1.57 13.67
N TRP A 192 -0.88 -1.38 12.83
CA TRP A 192 -0.70 -0.16 12.01
C TRP A 192 -1.92 0.04 11.07
N VAL A 193 -2.30 -1.01 10.35
CA VAL A 193 -3.44 -0.91 9.47
C VAL A 193 -4.71 -0.57 10.26
N GLN A 194 -4.92 -1.22 11.40
CA GLN A 194 -6.11 -0.91 12.19
C GLN A 194 -6.11 0.53 12.72
N PHE A 195 -4.94 1.04 13.08
CA PHE A 195 -4.77 2.46 13.43
C PHE A 195 -5.26 3.35 12.30
N LEU A 196 -4.80 3.07 11.08
CA LEU A 196 -5.20 3.87 9.91
C LEU A 196 -6.69 3.84 9.67
N VAL A 197 -7.25 2.65 9.76
CA VAL A 197 -8.72 2.48 9.62
C VAL A 197 -9.46 3.23 10.71
N ASP A 198 -8.97 3.12 11.93
CA ASP A 198 -9.61 3.79 13.06
C ASP A 198 -9.60 5.33 12.87
N GLU A 199 -8.49 5.83 12.37
CA GLU A 199 -8.34 7.26 12.05
C GLU A 199 -9.28 7.71 10.95
N LEU A 200 -9.41 6.92 9.88
CA LEU A 200 -10.36 7.29 8.82
C LEU A 200 -11.79 7.24 9.30
N ASN A 201 -12.11 6.25 10.14
CA ASN A 201 -13.42 6.22 10.77
C ASN A 201 -13.68 7.39 11.68
N ARG A 202 -12.66 7.84 12.38
CA ARG A 202 -12.75 9.00 13.27
C ARG A 202 -12.97 10.28 12.50
N VAL A 203 -12.10 10.58 11.54
CA VAL A 203 -12.20 11.87 10.84
C VAL A 203 -13.18 11.87 9.66
N GLY A 204 -13.55 10.68 9.20
CA GLY A 204 -14.42 10.53 8.05
C GLY A 204 -15.88 10.58 8.44
N LYS A 205 -16.14 10.47 9.74
CA LYS A 205 -17.47 10.19 10.26
C LYS A 205 -18.57 11.14 9.76
N ASN A 206 -18.31 12.44 9.70
CA ASN A 206 -19.41 13.39 9.40
C ASN A 206 -19.16 14.31 8.20
N ARG A 207 -18.41 13.82 7.22
CA ARG A 207 -17.94 14.70 6.17
C ARG A 207 -18.94 14.95 5.03
N GLU A 208 -18.94 16.19 4.54
CA GLU A 208 -19.83 16.58 3.45
C GLU A 208 -19.39 16.00 2.11
N ASP A 209 -18.09 15.75 1.96
CA ASP A 209 -17.50 15.32 0.68
C ASP A 209 -17.23 13.83 0.60
N LEU A 210 -18.18 13.02 1.10
CA LEU A 210 -18.00 11.57 1.06
C LEU A 210 -17.98 11.07 -0.38
N THR A 211 -18.74 11.69 -1.27
CA THR A 211 -18.65 11.33 -2.68
C THR A 211 -17.23 11.48 -3.22
N GLU A 212 -16.59 12.60 -2.93
CA GLU A 212 -15.20 12.83 -3.39
C GLU A 212 -14.24 11.82 -2.78
N LEU A 213 -14.43 11.50 -1.50
CA LEU A 213 -13.61 10.46 -0.88
C LEU A 213 -13.81 9.08 -1.54
N GLN A 214 -15.06 8.75 -1.86
CA GLN A 214 -15.40 7.48 -2.51
C GLN A 214 -14.79 7.41 -3.90
N GLN A 215 -14.80 8.52 -4.63
CA GLN A 215 -14.23 8.56 -5.98
C GLN A 215 -12.71 8.31 -5.96
N ARG A 216 -12.03 8.93 -5.00
CA ARG A 216 -10.63 8.66 -4.77
C ARG A 216 -10.38 7.20 -4.42
N TRP A 217 -11.17 6.72 -3.47
CA TRP A 217 -11.09 5.35 -2.95
C TRP A 217 -11.20 4.36 -4.10
N ASN A 218 -12.28 4.47 -4.86
CA ASN A 218 -12.52 3.50 -5.91
C ASN A 218 -11.40 3.53 -6.96
N GLN A 219 -10.91 4.72 -7.29
CA GLN A 219 -9.86 4.84 -8.28
C GLN A 219 -8.55 4.21 -7.79
N ALA A 220 -8.25 4.40 -6.51
CA ALA A 220 -7.01 3.88 -5.92
C ALA A 220 -7.06 2.36 -5.85
N VAL A 221 -8.22 1.79 -5.50
CA VAL A 221 -8.29 0.30 -5.49
C VAL A 221 -8.11 -0.24 -6.91
N ALA A 222 -8.70 0.44 -7.90
CA ALA A 222 -8.56 0.02 -9.30
C ALA A 222 -7.11 0.03 -9.72
N LEU A 223 -6.37 1.05 -9.27
CA LEU A 223 -4.97 1.20 -9.61
C LEU A 223 -4.09 0.16 -8.91
N GLU A 224 -4.46 -0.21 -7.69
CA GLU A 224 -3.74 -1.31 -6.98
C GLU A 224 -3.84 -2.61 -7.78
N LEU A 225 -5.04 -2.93 -8.25
CA LEU A 225 -5.24 -4.09 -9.08
C LEU A 225 -4.42 -4.02 -10.37
N ALA A 226 -4.48 -2.90 -11.07
CA ALA A 226 -3.74 -2.71 -12.32
C ALA A 226 -2.22 -2.80 -12.13
N PHE A 227 -1.77 -2.34 -10.97
CA PHE A 227 -0.35 -2.32 -10.66
C PHE A 227 0.25 -3.74 -10.66
N PHE A 228 -0.51 -4.71 -10.15
CA PHE A 228 -0.04 -6.09 -10.13
C PHE A 228 0.19 -6.68 -11.52
N ASP A 229 -0.47 -6.14 -12.53
CA ASP A 229 -0.22 -6.58 -13.90
C ASP A 229 1.08 -6.01 -14.52
N ILE A 230 1.66 -4.97 -13.92
CA ILE A 230 2.87 -4.30 -14.45
C ILE A 230 4.00 -5.26 -14.85
N GLY A 231 4.37 -6.16 -13.95
CA GLY A 231 5.45 -7.12 -14.21
C GLY A 231 5.13 -8.17 -15.27
N TYR A 232 3.85 -8.38 -15.57
CA TYR A 232 3.41 -9.38 -16.56
C TYR A 232 3.20 -8.81 -17.97
N ASP A 233 3.40 -7.50 -18.13
CA ASP A 233 3.12 -6.81 -19.40
C ASP A 233 4.02 -7.29 -20.55
#